data_7KDC
#
_entry.id   7KDC
#
_cell.length_a   82.810
_cell.length_b   82.810
_cell.length_c   136.761
_cell.angle_alpha   90.000
_cell.angle_beta   90.000
_cell.angle_gamma   120.000
#
_symmetry.space_group_name_H-M   'P 31'
#
loop_
_entity.id
_entity.type
_entity.pdbx_description
1 polymer 'Rho-related GTP-binding protein RhoD'
2 polymer Plexin-B2
3 non-polymer 'PHOSPHOAMINOPHOSPHONIC ACID-GUANYLATE ESTER'
4 non-polymer 'MAGNESIUM ION'
5 water water
#
loop_
_entity_poly.entity_id
_entity_poly.type
_entity_poly.pdbx_seq_one_letter_code
_entity_poly.pdbx_strand_id
1 'polypeptide(L)'
;GPHMGEEAPPGVRSVKVVLVGDGGCGKTSLLMVFADGAFPESYTPTVFERYMVNLQVKGKPVHLHIWDTAGLDDYDRLRP
LFYPDASVLLLCFDVTSPNSFDNIFNRWYPEVNHFCKKVPIIVVGCKTDLRKDKSLVNKLRRNGLEPVTYHRGQEMARSV
GAVAYLECSARLHDNVHAVFQEAAEVALSSR
;
A,B
2 'polypeptide(L)'
;EYAPLTVSVIVQDEGIDAIPVKVLNCDTISQVKEKIIDQVYRTQPCSCWPKPDSVVLEWRPGSTAQILSDLDLTSQREGR
WKRINTLMHYNVRDGATLILSKV
;
C,D
#
# COMPACT_ATOMS: atom_id res chain seq x y z
N VAL A 12 -2.65 1.95 -50.36
CA VAL A 12 -1.94 2.05 -49.10
C VAL A 12 -2.10 0.75 -48.30
N ARG A 13 -1.20 -0.19 -48.52
CA ARG A 13 -1.18 -1.46 -47.80
C ARG A 13 -0.04 -1.44 -46.79
N SER A 14 -0.33 -1.88 -45.57
CA SER A 14 0.65 -1.95 -44.50
C SER A 14 0.86 -3.40 -44.07
N VAL A 15 2.08 -3.71 -43.68
CA VAL A 15 2.49 -5.07 -43.34
C VAL A 15 3.33 -5.03 -42.07
N LYS A 16 3.01 -5.91 -41.12
CA LYS A 16 3.73 -6.01 -39.87
C LYS A 16 4.76 -7.13 -39.96
N VAL A 17 6.04 -6.78 -39.82
CA VAL A 17 7.14 -7.72 -39.93
C VAL A 17 7.81 -7.83 -38.56
N VAL A 18 8.09 -9.06 -38.13
CA VAL A 18 8.72 -9.32 -36.84
C VAL A 18 9.87 -10.30 -37.06
N LEU A 19 11.04 -9.93 -36.54
CA LEU A 19 12.23 -10.77 -36.62
C LEU A 19 12.50 -11.39 -35.26
N VAL A 20 12.77 -12.71 -35.25
CA VAL A 20 13.18 -13.41 -34.04
C VAL A 20 14.38 -14.29 -34.40
N GLY A 21 15.12 -14.65 -33.37
CA GLY A 21 16.34 -15.42 -33.53
C GLY A 21 17.26 -15.18 -32.36
N ASP A 22 18.14 -16.17 -32.14
CA ASP A 22 19.02 -16.14 -30.98
C ASP A 22 19.83 -14.86 -30.91
N GLY A 23 20.20 -14.48 -29.69
CA GLY A 23 20.95 -13.26 -29.50
C GLY A 23 22.28 -13.30 -30.22
N GLY A 24 22.65 -12.19 -30.83
CA GLY A 24 23.89 -12.11 -31.58
C GLY A 24 23.86 -12.76 -32.94
N CYS A 25 22.73 -13.32 -33.37
CA CYS A 25 22.66 -13.93 -34.68
C CYS A 25 22.59 -12.89 -35.81
N GLY A 26 22.42 -11.62 -35.47
CA GLY A 26 22.51 -10.56 -36.46
C GLY A 26 21.19 -9.97 -36.90
N LYS A 27 20.20 -9.93 -35.99
CA LYS A 27 18.90 -9.39 -36.36
C LYS A 27 18.95 -7.87 -36.51
N THR A 28 19.57 -7.18 -35.55
CA THR A 28 19.60 -5.72 -35.58
C THR A 28 20.46 -5.21 -36.73
N SER A 29 21.62 -5.81 -36.95
CA SER A 29 22.49 -5.38 -38.04
C SER A 29 21.79 -5.52 -39.39
N LEU A 30 21.00 -6.58 -39.55
CA LEU A 30 20.25 -6.76 -40.79
C LEU A 30 19.28 -5.61 -41.01
N LEU A 31 18.63 -5.14 -39.96
CA LEU A 31 17.64 -4.07 -40.10
C LEU A 31 18.29 -2.71 -40.32
N MET A 32 19.36 -2.42 -39.56
CA MET A 32 20.03 -1.13 -39.70
C MET A 32 20.57 -0.93 -41.11
N VAL A 33 21.19 -1.97 -41.67
CA VAL A 33 21.70 -1.88 -43.04
C VAL A 33 20.56 -1.68 -44.03
N PHE A 34 19.41 -2.32 -43.76
CA PHE A 34 18.27 -2.19 -44.66
C PHE A 34 17.61 -0.83 -44.53
N ALA A 35 17.51 -0.31 -43.32
CA ALA A 35 16.82 0.96 -43.09
C ALA A 35 17.76 2.15 -43.23
N ASP A 36 18.76 2.25 -42.35
CA ASP A 36 19.66 3.39 -42.32
C ASP A 36 20.86 3.24 -43.25
N GLY A 37 21.12 2.03 -43.75
CA GLY A 37 22.31 1.81 -44.57
C GLY A 37 23.57 1.93 -43.75
N ALA A 38 23.59 1.33 -42.58
CA ALA A 38 24.73 1.43 -41.67
C ALA A 38 24.90 0.10 -40.94
N PHE A 39 26.15 -0.37 -40.87
CA PHE A 39 26.46 -1.62 -40.18
C PHE A 39 27.08 -1.34 -38.82
N PRO A 40 26.63 -2.04 -37.77
CA PRO A 40 27.18 -1.81 -36.44
C PRO A 40 28.34 -2.75 -36.12
N GLU A 41 29.48 -2.17 -35.72
CA GLU A 41 30.63 -3.00 -35.34
C GLU A 41 30.49 -3.53 -33.92
N SER A 42 29.93 -2.72 -33.02
CA SER A 42 29.77 -3.11 -31.62
C SER A 42 28.44 -3.80 -31.41
N TYR A 43 28.45 -4.91 -30.69
CA TYR A 43 27.24 -5.66 -30.39
C TYR A 43 26.48 -5.00 -29.24
N THR A 44 25.19 -4.76 -29.45
CA THR A 44 24.33 -4.16 -28.42
C THR A 44 23.03 -4.96 -28.38
N PRO A 45 22.74 -5.67 -27.29
CA PRO A 45 21.52 -6.48 -27.22
C PRO A 45 20.27 -5.62 -27.31
N THR A 46 19.47 -5.85 -28.34
CA THR A 46 18.25 -5.10 -28.56
C THR A 46 17.17 -5.53 -27.56
N VAL A 47 16.35 -4.57 -27.15
CA VAL A 47 15.18 -4.87 -26.32
C VAL A 47 13.97 -4.99 -27.24
N PHE A 48 13.51 -3.86 -27.78
CA PHE A 48 12.54 -3.88 -28.87
C PHE A 48 12.52 -2.53 -29.57
N GLU A 49 12.36 -2.57 -30.89
CA GLU A 49 12.37 -1.38 -31.73
C GLU A 49 11.40 -1.58 -32.88
N ARG A 50 10.86 -0.48 -33.40
CA ARG A 50 9.97 -0.50 -34.55
C ARG A 50 10.55 0.36 -35.65
N TYR A 51 10.85 -0.26 -36.79
CA TYR A 51 11.34 0.44 -37.98
C TYR A 51 10.22 0.51 -39.00
N MET A 52 9.95 1.71 -39.52
CA MET A 52 8.92 1.93 -40.52
C MET A 52 9.57 2.25 -41.85
N VAL A 53 9.22 1.50 -42.89
CA VAL A 53 9.86 1.59 -44.19
C VAL A 53 8.81 1.59 -45.28
N ASN A 54 8.90 2.55 -46.20
CA ASN A 54 8.07 2.58 -47.39
C ASN A 54 8.82 1.92 -48.55
N LEU A 55 8.19 0.93 -49.18
CA LEU A 55 8.80 0.23 -50.30
C LEU A 55 7.75 -0.02 -51.37
N GLN A 56 8.20 -0.58 -52.49
CA GLN A 56 7.36 -0.90 -53.63
C GLN A 56 7.25 -2.41 -53.79
N VAL A 57 6.07 -2.87 -54.20
CA VAL A 57 5.82 -4.29 -54.42
C VAL A 57 5.07 -4.42 -55.75
N LYS A 58 5.76 -4.92 -56.77
CA LYS A 58 5.19 -5.10 -58.11
C LYS A 58 4.63 -3.79 -58.65
N GLY A 59 5.26 -2.67 -58.29
CA GLY A 59 4.81 -1.36 -58.72
C GLY A 59 3.82 -0.67 -57.82
N LYS A 60 3.61 -1.18 -56.60
CA LYS A 60 2.66 -0.58 -55.68
C LYS A 60 3.34 -0.25 -54.36
N PRO A 61 3.08 0.94 -53.79
CA PRO A 61 3.68 1.29 -52.51
C PRO A 61 3.08 0.49 -51.36
N VAL A 62 3.94 0.01 -50.47
CA VAL A 62 3.52 -0.80 -49.33
C VAL A 62 4.31 -0.36 -48.10
N HIS A 63 3.63 0.19 -47.11
CA HIS A 63 4.28 0.56 -45.86
C HIS A 63 4.65 -0.70 -45.08
N LEU A 64 5.77 -0.64 -44.37
CA LEU A 64 6.30 -1.78 -43.63
C LEU A 64 6.54 -1.39 -42.18
N HIS A 65 5.76 -1.97 -41.27
CA HIS A 65 6.01 -1.87 -39.84
C HIS A 65 6.86 -3.08 -39.43
N ILE A 66 8.10 -2.83 -39.02
CA ILE A 66 9.06 -3.88 -38.76
C ILE A 66 9.50 -3.80 -37.31
N TRP A 67 9.49 -4.93 -36.60
CA TRP A 67 9.82 -4.99 -35.19
C TRP A 67 11.10 -5.80 -34.99
N ASP A 68 12.00 -5.27 -34.16
CA ASP A 68 13.28 -5.91 -33.86
C ASP A 68 13.23 -6.40 -32.42
N THR A 69 13.22 -7.72 -32.23
CA THR A 69 13.01 -8.31 -30.93
C THR A 69 14.35 -8.69 -30.28
N ALA A 70 14.26 -9.14 -29.03
CA ALA A 70 15.40 -9.59 -28.25
C ALA A 70 15.53 -11.09 -28.36
N GLY A 71 16.71 -11.57 -28.74
CA GLY A 71 16.95 -12.99 -28.85
C GLY A 71 17.40 -13.68 -27.59
N LEU A 72 17.74 -12.92 -26.56
CA LEU A 72 18.23 -13.50 -25.32
C LEU A 72 17.12 -14.26 -24.60
N ASP A 73 17.52 -15.18 -23.74
CA ASP A 73 16.54 -15.92 -22.93
C ASP A 73 15.93 -15.06 -21.84
N ASP A 74 16.54 -13.91 -21.53
CA ASP A 74 16.07 -13.07 -20.43
C ASP A 74 14.83 -12.27 -20.78
N TYR A 75 14.50 -12.15 -22.07
CA TYR A 75 13.33 -11.39 -22.51
C TYR A 75 12.26 -12.28 -23.12
N ASP A 76 12.30 -13.59 -22.84
CA ASP A 76 11.32 -14.51 -23.42
C ASP A 76 9.90 -14.17 -22.98
N ARG A 77 9.75 -13.62 -21.78
CA ARG A 77 8.42 -13.29 -21.26
C ARG A 77 7.86 -12.00 -21.84
N LEU A 78 8.69 -11.17 -22.47
CA LEU A 78 8.24 -9.93 -23.08
C LEU A 78 7.98 -10.06 -24.57
N ARG A 79 8.63 -11.01 -25.22
CA ARG A 79 8.58 -11.12 -26.68
C ARG A 79 7.18 -11.38 -27.25
N PRO A 80 6.34 -12.25 -26.66
CA PRO A 80 5.02 -12.50 -27.28
C PRO A 80 4.17 -11.25 -27.49
N LEU A 81 4.53 -10.12 -26.87
CA LEU A 81 3.76 -8.90 -27.01
C LEU A 81 3.73 -8.38 -28.44
N PHE A 82 4.68 -8.80 -29.28
CA PHE A 82 4.83 -8.27 -30.62
C PHE A 82 4.34 -9.22 -31.70
N TYR A 83 3.97 -10.45 -31.33
CA TYR A 83 3.38 -11.43 -32.23
C TYR A 83 1.98 -11.08 -32.74
N PRO A 84 1.09 -10.48 -31.92
CA PRO A 84 -0.27 -10.22 -32.41
C PRO A 84 -0.30 -9.37 -33.67
N ASP A 85 -1.24 -9.70 -34.56
CA ASP A 85 -1.48 -8.95 -35.80
C ASP A 85 -0.27 -8.99 -36.73
N ALA A 86 0.48 -10.09 -36.71
CA ALA A 86 1.66 -10.21 -37.56
C ALA A 86 1.27 -10.64 -38.96
N SER A 87 2.02 -10.15 -39.94
CA SER A 87 1.82 -10.51 -41.35
C SER A 87 2.87 -11.47 -41.87
N VAL A 88 4.07 -11.46 -41.29
CA VAL A 88 5.14 -12.36 -41.71
C VAL A 88 6.18 -12.40 -40.59
N LEU A 89 6.78 -13.56 -40.38
CA LEU A 89 7.76 -13.76 -39.32
C LEU A 89 9.08 -14.23 -39.92
N LEU A 90 10.15 -13.48 -39.65
CA LEU A 90 11.49 -13.82 -40.11
C LEU A 90 12.23 -14.50 -38.97
N LEU A 91 12.45 -15.80 -39.10
CA LEU A 91 13.16 -16.59 -38.09
C LEU A 91 14.64 -16.64 -38.47
N CYS A 92 15.46 -15.90 -37.73
CA CYS A 92 16.86 -15.70 -38.08
C CYS A 92 17.76 -16.62 -37.27
N PHE A 93 18.92 -16.93 -37.83
CA PHE A 93 19.95 -17.69 -37.15
C PHE A 93 21.31 -17.30 -37.71
N ASP A 94 22.36 -17.66 -36.98
CA ASP A 94 23.73 -17.39 -37.38
C ASP A 94 24.28 -18.62 -38.10
N VAL A 95 24.76 -18.43 -39.33
CA VAL A 95 25.31 -19.54 -40.11
C VAL A 95 26.52 -20.14 -39.42
N THR A 96 27.30 -19.32 -38.72
CA THR A 96 28.49 -19.79 -38.02
C THR A 96 28.18 -20.44 -36.68
N SER A 97 26.98 -20.24 -36.13
CA SER A 97 26.63 -20.80 -34.84
C SER A 97 25.63 -21.95 -35.02
N PRO A 98 26.08 -23.21 -35.03
CA PRO A 98 25.13 -24.32 -35.12
C PRO A 98 24.09 -24.34 -34.01
N ASN A 99 24.37 -23.68 -32.88
CA ASN A 99 23.38 -23.60 -31.81
C ASN A 99 22.17 -22.77 -32.23
N SER A 100 22.41 -21.62 -32.85
CA SER A 100 21.30 -20.78 -33.30
C SER A 100 20.50 -21.44 -34.40
N PHE A 101 21.14 -22.29 -35.21
CA PHE A 101 20.40 -23.03 -36.23
C PHE A 101 19.50 -24.09 -35.61
N ASP A 102 19.94 -24.69 -34.51
CA ASP A 102 19.10 -25.68 -33.82
C ASP A 102 17.90 -25.00 -33.16
N ASN A 103 18.14 -23.89 -32.45
CA ASN A 103 17.06 -23.18 -31.77
C ASN A 103 16.01 -22.64 -32.74
N ILE A 104 16.29 -22.65 -34.04
CA ILE A 104 15.24 -22.37 -35.03
C ILE A 104 14.10 -23.36 -34.87
N PHE A 105 14.43 -24.64 -34.71
CA PHE A 105 13.44 -25.70 -34.55
C PHE A 105 13.18 -26.05 -33.10
N ASN A 106 14.21 -26.04 -32.25
CA ASN A 106 14.03 -26.43 -30.85
C ASN A 106 13.30 -25.36 -30.06
N ARG A 107 13.57 -24.09 -30.36
CA ARG A 107 13.15 -22.98 -29.51
C ARG A 107 12.20 -22.02 -30.22
N TRP A 108 12.55 -21.54 -31.41
CA TRP A 108 11.76 -20.50 -32.05
C TRP A 108 10.51 -21.06 -32.72
N TYR A 109 10.57 -22.26 -33.30
CA TYR A 109 9.37 -22.84 -33.90
C TYR A 109 8.30 -23.15 -32.86
N PRO A 110 8.60 -23.78 -31.71
CA PRO A 110 7.54 -24.00 -30.72
C PRO A 110 6.94 -22.70 -30.21
N GLU A 111 7.75 -21.66 -30.06
CA GLU A 111 7.23 -20.38 -29.59
C GLU A 111 6.32 -19.73 -30.63
N VAL A 112 6.69 -19.83 -31.91
CA VAL A 112 5.85 -19.29 -32.97
C VAL A 112 4.60 -20.14 -33.13
N ASN A 113 4.77 -21.46 -33.20
CA ASN A 113 3.61 -22.36 -33.34
C ASN A 113 2.64 -22.21 -32.18
N HIS A 114 3.14 -21.85 -31.00
CA HIS A 114 2.26 -21.65 -29.84
C HIS A 114 1.34 -20.45 -30.05
N PHE A 115 1.93 -19.29 -30.36
CA PHE A 115 1.15 -18.06 -30.55
C PHE A 115 0.68 -17.95 -32.00
N CYS A 116 1.61 -17.65 -32.91
CA CYS A 116 1.28 -17.40 -34.32
C CYS A 116 1.14 -18.74 -35.03
N LYS A 117 -0.08 -19.26 -35.04
CA LYS A 117 -0.34 -20.54 -35.73
C LYS A 117 -0.45 -20.36 -37.24
N LYS A 118 -0.83 -19.17 -37.70
CA LYS A 118 -1.15 -18.96 -39.10
C LYS A 118 -0.26 -17.95 -39.81
N VAL A 119 0.65 -17.30 -39.10
CA VAL A 119 1.48 -16.27 -39.71
C VAL A 119 2.59 -16.94 -40.53
N PRO A 120 2.84 -16.48 -41.76
CA PRO A 120 3.88 -17.12 -42.59
C PRO A 120 5.26 -16.97 -41.97
N ILE A 121 6.08 -18.00 -42.16
CA ILE A 121 7.43 -18.05 -41.62
C ILE A 121 8.42 -18.02 -42.78
N ILE A 122 9.41 -17.15 -42.68
CA ILE A 122 10.52 -17.09 -43.64
C ILE A 122 11.81 -17.27 -42.86
N VAL A 123 12.47 -18.39 -43.04
CA VAL A 123 13.74 -18.65 -42.39
C VAL A 123 14.84 -17.90 -43.12
N VAL A 124 15.75 -17.30 -42.36
CA VAL A 124 16.81 -16.46 -42.91
C VAL A 124 18.14 -16.86 -42.27
N GLY A 125 19.15 -17.09 -43.11
CA GLY A 125 20.50 -17.34 -42.64
C GLY A 125 21.34 -16.08 -42.76
N CYS A 126 21.89 -15.65 -41.64
CA CYS A 126 22.60 -14.38 -41.56
C CYS A 126 24.09 -14.60 -41.45
N LYS A 127 24.85 -13.51 -41.61
CA LYS A 127 26.31 -13.52 -41.55
C LYS A 127 26.91 -14.47 -42.58
N THR A 128 26.33 -14.47 -43.78
CA THR A 128 26.83 -15.31 -44.86
C THR A 128 28.28 -14.96 -45.20
N ASP A 129 28.65 -13.69 -45.05
CA ASP A 129 30.01 -13.26 -45.35
C ASP A 129 31.05 -14.01 -44.51
N LEU A 130 30.65 -14.49 -43.34
CA LEU A 130 31.58 -15.22 -42.47
C LEU A 130 31.88 -16.63 -42.96
N ARG A 131 31.14 -17.12 -43.95
CA ARG A 131 31.41 -18.47 -44.48
C ARG A 131 32.75 -18.53 -45.19
N LYS A 132 33.16 -17.45 -45.85
CA LYS A 132 34.43 -17.40 -46.57
C LYS A 132 35.53 -16.72 -45.76
N ASP A 133 35.60 -17.05 -44.46
CA ASP A 133 36.63 -16.57 -43.57
C ASP A 133 37.45 -17.78 -43.11
N LYS A 134 38.70 -17.88 -43.60
CA LYS A 134 39.52 -19.05 -43.29
C LYS A 134 39.79 -19.16 -41.80
N SER A 135 40.08 -18.03 -41.15
CA SER A 135 40.46 -18.04 -39.74
C SER A 135 39.32 -18.52 -38.83
N LEU A 136 38.08 -18.45 -39.30
CA LEU A 136 36.92 -18.84 -38.51
C LEU A 136 36.47 -20.27 -38.80
N VAL A 137 36.34 -20.63 -40.08
CA VAL A 137 35.83 -21.95 -40.45
C VAL A 137 36.75 -23.05 -39.92
N ASN A 138 38.06 -22.79 -39.93
CA ASN A 138 39.00 -23.78 -39.42
C ASN A 138 38.82 -23.98 -37.92
N LYS A 139 38.51 -22.92 -37.18
CA LYS A 139 38.18 -23.07 -35.77
C LYS A 139 36.95 -23.95 -35.58
N LEU A 140 35.99 -23.86 -36.52
CA LEU A 140 34.82 -24.73 -36.46
C LEU A 140 35.17 -26.15 -36.89
N ARG A 141 35.93 -26.28 -37.99
CA ARG A 141 36.25 -27.61 -38.52
C ARG A 141 37.13 -28.40 -37.56
N ARG A 142 38.02 -27.73 -36.82
CA ARG A 142 38.82 -28.42 -35.82
C ARG A 142 37.95 -29.03 -34.73
N ASN A 143 36.79 -28.42 -34.46
CA ASN A 143 35.83 -28.96 -33.51
C ASN A 143 34.77 -29.84 -34.16
N GLY A 144 35.06 -30.37 -35.35
CA GLY A 144 34.14 -31.26 -36.03
C GLY A 144 32.82 -30.65 -36.45
N LEU A 145 32.74 -29.32 -36.50
CA LEU A 145 31.51 -28.62 -36.86
C LEU A 145 31.73 -27.81 -38.13
N GLU A 146 30.77 -27.88 -39.04
CA GLU A 146 30.83 -27.08 -40.24
C GLU A 146 29.76 -26.00 -40.21
N PRO A 147 30.02 -24.84 -40.82
CA PRO A 147 28.97 -23.83 -40.95
C PRO A 147 27.79 -24.36 -41.74
N VAL A 148 26.63 -23.75 -41.51
CA VAL A 148 25.40 -24.22 -42.15
C VAL A 148 25.43 -23.94 -43.64
N THR A 149 25.03 -24.92 -44.43
CA THR A 149 24.96 -24.80 -45.87
C THR A 149 23.53 -24.51 -46.32
N TYR A 150 23.38 -24.19 -47.60
CA TYR A 150 22.07 -23.82 -48.14
C TYR A 150 21.07 -24.95 -48.00
N HIS A 151 21.46 -26.17 -48.39
CA HIS A 151 20.54 -27.30 -48.33
C HIS A 151 20.14 -27.64 -46.90
N ARG A 152 20.94 -27.23 -45.92
CA ARG A 152 20.56 -27.44 -44.52
C ARG A 152 19.63 -26.36 -44.02
N GLY A 153 19.83 -25.12 -44.45
CA GLY A 153 18.88 -24.07 -44.10
C GLY A 153 17.53 -24.31 -44.76
N GLN A 154 17.55 -24.93 -45.94
CA GLN A 154 16.32 -25.21 -46.65
C GLN A 154 15.54 -26.35 -45.99
N GLU A 155 16.23 -27.41 -45.59
CA GLU A 155 15.56 -28.51 -44.92
C GLU A 155 14.94 -28.08 -43.59
N MET A 156 15.55 -27.11 -42.92
CA MET A 156 14.98 -26.56 -41.70
C MET A 156 13.71 -25.79 -41.99
N ALA A 157 13.75 -24.90 -42.98
CA ALA A 157 12.55 -24.18 -43.40
C ALA A 157 11.46 -25.16 -43.79
N ARG A 158 11.84 -26.29 -44.40
CA ARG A 158 10.86 -27.30 -44.79
C ARG A 158 10.29 -28.02 -43.58
N SER A 159 11.16 -28.41 -42.66
CA SER A 159 10.72 -29.09 -41.45
C SER A 159 9.84 -28.17 -40.61
N VAL A 160 10.23 -26.91 -40.47
CA VAL A 160 9.44 -25.95 -39.70
C VAL A 160 8.13 -25.66 -40.43
N GLY A 161 8.11 -25.78 -41.75
CA GLY A 161 6.93 -25.43 -42.53
C GLY A 161 6.96 -24.05 -43.12
N ALA A 162 8.14 -23.45 -43.27
CA ALA A 162 8.25 -22.11 -43.80
C ALA A 162 7.82 -22.07 -45.26
N VAL A 163 7.49 -20.86 -45.73
CA VAL A 163 7.12 -20.69 -47.13
C VAL A 163 8.36 -20.54 -48.00
N ALA A 164 9.37 -19.82 -47.52
CA ALA A 164 10.58 -19.58 -48.27
C ALA A 164 11.78 -19.70 -47.34
N TYR A 165 12.97 -19.54 -47.90
CA TYR A 165 14.21 -19.56 -47.13
C TYR A 165 15.25 -18.73 -47.87
N LEU A 166 15.79 -17.71 -47.20
CA LEU A 166 16.72 -16.79 -47.83
C LEU A 166 17.99 -16.68 -46.99
N GLU A 167 19.05 -16.18 -47.62
CA GLU A 167 20.32 -15.94 -46.95
C GLU A 167 20.79 -14.53 -47.29
N CYS A 168 21.59 -13.95 -46.40
CA CYS A 168 22.04 -12.58 -46.57
C CYS A 168 23.26 -12.34 -45.69
N SER A 169 23.90 -11.20 -45.92
CA SER A 169 25.05 -10.75 -45.12
C SER A 169 24.88 -9.26 -44.87
N ALA A 170 24.59 -8.90 -43.61
CA ALA A 170 24.45 -7.49 -43.27
C ALA A 170 25.78 -6.75 -43.42
N ARG A 171 26.90 -7.45 -43.25
CA ARG A 171 28.21 -6.80 -43.35
C ARG A 171 28.50 -6.34 -44.77
N LEU A 172 27.90 -6.97 -45.78
CA LEU A 172 28.22 -6.71 -47.17
C LEU A 172 27.01 -6.28 -47.99
N HIS A 173 25.88 -5.94 -47.36
CA HIS A 173 24.68 -5.44 -48.01
C HIS A 173 24.09 -6.42 -49.02
N ASP A 174 24.62 -7.64 -49.11
CA ASP A 174 24.19 -8.57 -50.16
C ASP A 174 22.86 -9.23 -49.78
N ASN A 175 21.94 -9.29 -50.74
CA ASN A 175 20.65 -9.94 -50.60
C ASN A 175 19.83 -9.38 -49.44
N VAL A 176 20.15 -8.16 -49.00
CA VAL A 176 19.46 -7.57 -47.86
C VAL A 176 18.09 -7.04 -48.28
N HIS A 177 18.07 -6.15 -49.29
CA HIS A 177 16.81 -5.61 -49.78
C HIS A 177 15.91 -6.70 -50.33
N ALA A 178 16.49 -7.82 -50.77
CA ALA A 178 15.68 -8.91 -51.31
C ALA A 178 14.94 -9.66 -50.22
N VAL A 179 15.47 -9.67 -48.99
CA VAL A 179 14.81 -10.39 -47.90
C VAL A 179 13.46 -9.77 -47.58
N PHE A 180 13.38 -8.44 -47.58
CA PHE A 180 12.14 -7.77 -47.20
C PHE A 180 11.15 -7.69 -48.35
N GLN A 181 11.64 -7.63 -49.59
CA GLN A 181 10.73 -7.71 -50.73
C GLN A 181 9.98 -9.04 -50.73
N GLU A 182 10.67 -10.13 -50.41
CA GLU A 182 10.00 -11.42 -50.30
C GLU A 182 9.09 -11.49 -49.08
N ALA A 183 9.42 -10.75 -48.02
CA ALA A 183 8.58 -10.74 -46.83
C ALA A 183 7.25 -10.04 -47.13
N ALA A 184 7.30 -8.89 -47.80
CA ALA A 184 6.07 -8.16 -48.10
C ALA A 184 5.23 -8.90 -49.13
N GLU A 185 5.87 -9.58 -50.08
CA GLU A 185 5.12 -10.33 -51.09
C GLU A 185 4.35 -11.48 -50.45
N VAL A 186 5.00 -12.22 -49.55
CA VAL A 186 4.33 -13.32 -48.88
C VAL A 186 3.22 -12.81 -47.99
N ALA A 187 3.45 -11.70 -47.30
CA ALA A 187 2.45 -11.16 -46.37
C ALA A 187 1.22 -10.68 -47.11
N LEU A 188 1.40 -10.01 -48.25
CA LEU A 188 0.27 -9.47 -49.00
C LEU A 188 -0.50 -10.56 -49.74
N SER A 189 0.22 -11.47 -50.41
CA SER A 189 -0.42 -12.54 -51.16
C SER A 189 -1.17 -13.51 -50.26
N SER A 190 -0.81 -13.57 -48.98
CA SER A 190 -1.50 -14.44 -48.02
C SER A 190 -2.61 -13.71 -47.26
N ARG A 191 -2.87 -12.44 -47.59
CA ARG A 191 -3.91 -11.68 -46.92
C ARG A 191 -5.29 -12.02 -47.48
N VAL B 12 -23.70 30.47 30.46
CA VAL B 12 -23.41 29.10 30.03
C VAL B 12 -22.04 28.68 30.52
N ARG B 13 -21.96 28.27 31.80
CA ARG B 13 -20.72 27.79 32.38
C ARG B 13 -20.57 26.29 32.11
N SER B 14 -19.40 25.89 31.66
CA SER B 14 -19.10 24.50 31.37
C SER B 14 -17.81 24.09 32.08
N VAL B 15 -17.79 22.86 32.59
CA VAL B 15 -16.66 22.36 33.36
C VAL B 15 -16.36 20.94 32.88
N LYS B 16 -15.10 20.70 32.49
CA LYS B 16 -14.68 19.39 32.02
C LYS B 16 -14.16 18.59 33.21
N VAL B 17 -14.86 17.51 33.54
CA VAL B 17 -14.53 16.64 34.66
C VAL B 17 -13.99 15.32 34.13
N VAL B 18 -12.89 14.87 34.70
CA VAL B 18 -12.23 13.63 34.28
C VAL B 18 -11.97 12.78 35.50
N LEU B 19 -12.31 11.49 35.42
CA LEU B 19 -12.08 10.54 36.49
C LEU B 19 -11.00 9.56 36.06
N VAL B 20 -9.96 9.43 36.89
CA VAL B 20 -8.92 8.43 36.72
C VAL B 20 -8.81 7.64 38.01
N GLY B 21 -8.27 6.44 37.89
CA GLY B 21 -8.10 5.54 39.01
C GLY B 21 -8.02 4.11 38.52
N ASP B 22 -7.45 3.25 39.36
CA ASP B 22 -7.22 1.86 38.98
C ASP B 22 -8.51 1.17 38.56
N GLY B 23 -8.39 0.20 37.65
CA GLY B 23 -9.52 -0.55 37.19
C GLY B 23 -10.26 -1.29 38.28
N GLY B 24 -11.58 -1.18 38.31
CA GLY B 24 -12.38 -1.82 39.33
C GLY B 24 -12.45 -1.08 40.64
N CYS B 25 -11.87 0.11 40.74
CA CYS B 25 -11.94 0.89 41.97
C CYS B 25 -13.29 1.57 42.15
N GLY B 26 -14.16 1.54 41.14
CA GLY B 26 -15.52 2.02 41.29
C GLY B 26 -15.79 3.39 40.68
N LYS B 27 -15.19 3.66 39.52
CA LYS B 27 -15.38 4.96 38.89
C LYS B 27 -16.71 5.05 38.15
N THR B 28 -17.07 4.01 37.39
CA THR B 28 -18.29 4.07 36.60
C THR B 28 -19.53 3.98 37.49
N SER B 29 -19.48 3.14 38.53
CA SER B 29 -20.61 3.04 39.46
C SER B 29 -20.89 4.38 40.11
N LEU B 30 -19.84 5.15 40.41
CA LEU B 30 -20.01 6.48 40.97
C LEU B 30 -20.78 7.38 40.01
N LEU B 31 -20.39 7.37 38.73
CA LEU B 31 -21.03 8.24 37.75
C LEU B 31 -22.46 7.79 37.45
N MET B 32 -22.67 6.48 37.31
CA MET B 32 -24.02 5.97 37.01
C MET B 32 -25.00 6.34 38.11
N VAL B 33 -24.61 6.12 39.37
CA VAL B 33 -25.47 6.46 40.49
C VAL B 33 -25.74 7.95 40.53
N PHE B 34 -24.76 8.77 40.14
CA PHE B 34 -24.95 10.21 40.12
C PHE B 34 -25.83 10.64 38.95
N ALA B 35 -25.47 10.23 37.74
CA ALA B 35 -26.19 10.67 36.55
C ALA B 35 -27.53 9.96 36.41
N ASP B 36 -27.52 8.63 36.32
CA ASP B 36 -28.73 7.87 36.05
C ASP B 36 -29.46 7.40 37.31
N GLY B 37 -28.80 7.46 38.46
CA GLY B 37 -29.40 6.93 39.67
C GLY B 37 -29.49 5.43 39.71
N ALA B 38 -28.59 4.73 39.01
CA ALA B 38 -28.60 3.28 38.93
C ALA B 38 -27.22 2.76 39.29
N PHE B 39 -27.19 1.72 40.11
CA PHE B 39 -25.94 1.08 40.52
C PHE B 39 -25.75 -0.22 39.77
N PRO B 40 -24.54 -0.45 39.24
CA PRO B 40 -24.29 -1.69 38.49
C PRO B 40 -23.75 -2.82 39.37
N GLU B 41 -24.41 -3.97 39.34
CA GLU B 41 -23.93 -5.12 40.11
C GLU B 41 -22.77 -5.81 39.40
N SER B 42 -22.85 -5.92 38.08
CA SER B 42 -21.81 -6.58 37.30
C SER B 42 -20.75 -5.56 36.86
N TYR B 43 -19.49 -6.00 36.87
CA TYR B 43 -18.38 -5.13 36.53
C TYR B 43 -18.02 -5.27 35.06
N THR B 44 -17.96 -4.14 34.36
CA THR B 44 -17.55 -4.09 32.96
C THR B 44 -16.53 -2.97 32.81
N PRO B 45 -15.32 -3.26 32.33
CA PRO B 45 -14.30 -2.21 32.24
C PRO B 45 -14.67 -1.14 31.21
N THR B 46 -14.66 0.10 31.64
CA THR B 46 -14.99 1.23 30.77
C THR B 46 -13.81 1.54 29.85
N VAL B 47 -14.12 1.89 28.60
CA VAL B 47 -13.11 2.39 27.68
C VAL B 47 -13.04 3.90 27.83
N PHE B 48 -14.11 4.59 27.41
CA PHE B 48 -14.29 6.00 27.73
C PHE B 48 -15.73 6.40 27.48
N GLU B 49 -16.26 7.24 28.36
CA GLU B 49 -17.63 7.73 28.29
C GLU B 49 -17.68 9.20 28.65
N ARG B 50 -18.72 9.88 28.19
CA ARG B 50 -18.91 11.30 28.46
C ARG B 50 -20.32 11.51 28.98
N TYR B 51 -20.44 12.01 30.21
CA TYR B 51 -21.72 12.26 30.86
C TYR B 51 -21.96 13.75 30.95
N MET B 52 -23.18 14.18 30.63
CA MET B 52 -23.58 15.58 30.67
C MET B 52 -24.63 15.77 31.75
N VAL B 53 -24.34 16.61 32.73
CA VAL B 53 -25.19 16.82 33.90
C VAL B 53 -25.34 18.31 34.14
N ASN B 54 -26.58 18.78 34.22
CA ASN B 54 -26.87 20.16 34.58
C ASN B 54 -27.14 20.23 36.08
N LEU B 55 -26.27 20.92 36.81
CA LEU B 55 -26.44 21.11 38.25
C LEU B 55 -26.47 22.60 38.57
N GLN B 56 -26.45 22.90 39.87
CA GLN B 56 -26.48 24.27 40.36
C GLN B 56 -25.33 24.48 41.33
N VAL B 57 -24.79 25.69 41.32
CA VAL B 57 -23.68 26.07 42.19
C VAL B 57 -24.00 27.44 42.76
N LYS B 58 -24.26 27.50 44.06
CA LYS B 58 -24.61 28.75 44.75
C LYS B 58 -25.79 29.44 44.09
N GLY B 59 -26.72 28.67 43.55
CA GLY B 59 -27.90 29.21 42.91
C GLY B 59 -27.74 29.52 41.44
N LYS B 60 -26.70 29.01 40.79
CA LYS B 60 -26.46 29.28 39.37
C LYS B 60 -26.28 27.96 38.64
N PRO B 61 -26.97 27.77 37.50
CA PRO B 61 -26.82 26.52 36.75
C PRO B 61 -25.46 26.44 36.08
N VAL B 62 -24.89 25.24 36.08
CA VAL B 62 -23.58 24.98 35.50
C VAL B 62 -23.62 23.66 34.74
N HIS B 63 -23.32 23.70 33.45
CA HIS B 63 -23.24 22.48 32.66
C HIS B 63 -21.97 21.71 33.01
N LEU B 64 -22.11 20.42 33.31
CA LEU B 64 -20.99 19.56 33.65
C LEU B 64 -20.80 18.50 32.56
N HIS B 65 -19.65 18.53 31.90
CA HIS B 65 -19.25 17.50 30.95
C HIS B 65 -18.23 16.60 31.63
N ILE B 66 -18.65 15.38 31.98
CA ILE B 66 -17.87 14.48 32.82
C ILE B 66 -17.38 13.32 31.97
N TRP B 67 -16.11 12.95 32.15
CA TRP B 67 -15.48 11.89 31.38
C TRP B 67 -15.13 10.72 32.28
N ASP B 68 -15.49 9.51 31.84
CA ASP B 68 -15.18 8.27 32.55
C ASP B 68 -14.10 7.54 31.77
N THR B 69 -12.91 7.42 32.37
CA THR B 69 -11.76 6.87 31.66
C THR B 69 -11.48 5.43 32.11
N ALA B 70 -10.75 4.72 31.26
CA ALA B 70 -10.31 3.38 31.59
C ALA B 70 -9.22 3.43 32.66
N GLY B 71 -9.26 2.47 33.58
CA GLY B 71 -8.30 2.44 34.66
C GLY B 71 -7.24 1.37 34.48
N LEU B 72 -7.45 0.47 33.52
CA LEU B 72 -6.51 -0.62 33.30
C LEU B 72 -5.22 -0.11 32.69
N ASP B 73 -4.13 -0.85 32.91
CA ASP B 73 -2.85 -0.50 32.30
C ASP B 73 -2.86 -0.65 30.79
N ASP B 74 -3.84 -1.38 30.25
CA ASP B 74 -3.87 -1.63 28.81
C ASP B 74 -4.22 -0.37 28.03
N TYR B 75 -4.95 0.56 28.64
CA TYR B 75 -5.38 1.78 27.98
C TYR B 75 -4.60 3.00 28.44
N ASP B 76 -3.40 2.80 29.00
CA ASP B 76 -2.60 3.92 29.45
C ASP B 76 -2.22 4.84 28.30
N ARG B 77 -2.08 4.31 27.10
CA ARG B 77 -1.68 5.10 25.94
C ARG B 77 -2.83 5.92 25.37
N LEU B 78 -4.08 5.55 25.65
CA LEU B 78 -5.23 6.29 25.15
C LEU B 78 -5.72 7.34 26.14
N ARG B 79 -5.46 7.14 27.43
CA ARG B 79 -6.04 8.00 28.46
C ARG B 79 -5.66 9.47 28.36
N PRO B 80 -4.42 9.86 28.06
CA PRO B 80 -4.09 11.30 28.02
C PRO B 80 -4.92 12.11 27.03
N LEU B 81 -5.73 11.47 26.19
CA LEU B 81 -6.51 12.19 25.20
C LEU B 81 -7.62 13.02 25.81
N PHE B 82 -8.01 12.74 27.05
CA PHE B 82 -9.12 13.43 27.70
C PHE B 82 -8.67 14.47 28.71
N TYR B 83 -7.36 14.55 28.99
CA TYR B 83 -6.79 15.53 29.90
C TYR B 83 -6.81 16.97 29.36
N PRO B 84 -6.64 17.22 28.06
CA PRO B 84 -6.67 18.61 27.59
C PRO B 84 -7.97 19.32 27.97
N ASP B 85 -7.84 20.61 28.30
CA ASP B 85 -8.96 21.47 28.67
C ASP B 85 -9.67 20.99 29.93
N ALA B 86 -8.94 20.31 30.81
CA ALA B 86 -9.54 19.81 32.04
C ALA B 86 -9.74 20.96 33.03
N SER B 87 -10.88 20.93 33.72
CA SER B 87 -11.18 21.92 34.75
C SER B 87 -11.02 21.39 36.17
N VAL B 88 -11.14 20.07 36.34
CA VAL B 88 -10.98 19.45 37.65
C VAL B 88 -10.73 17.96 37.43
N LEU B 89 -9.93 17.37 38.32
CA LEU B 89 -9.55 15.96 38.20
C LEU B 89 -9.91 15.23 39.49
N LEU B 90 -10.60 14.11 39.34
CA LEU B 90 -11.04 13.27 40.47
C LEU B 90 -10.21 11.99 40.45
N LEU B 91 -9.17 11.95 41.28
CA LEU B 91 -8.31 10.77 41.38
C LEU B 91 -8.94 9.78 42.37
N CYS B 92 -9.47 8.69 41.83
CA CYS B 92 -10.25 7.73 42.61
C CYS B 92 -9.40 6.53 43.00
N PHE B 93 -9.70 5.98 44.17
CA PHE B 93 -9.12 4.72 44.62
C PHE B 93 -10.19 3.93 45.37
N ASP B 94 -9.84 2.69 45.70
CA ASP B 94 -10.74 1.80 46.43
C ASP B 94 -10.26 1.71 47.87
N VAL B 95 -11.15 2.00 48.82
CA VAL B 95 -10.79 1.94 50.23
C VAL B 95 -10.38 0.54 50.64
N THR B 96 -11.00 -0.48 50.03
CA THR B 96 -10.67 -1.86 50.36
C THR B 96 -9.37 -2.34 49.72
N SER B 97 -8.92 -1.71 48.63
CA SER B 97 -7.73 -2.14 47.94
C SER B 97 -6.57 -1.20 48.27
N PRO B 98 -5.66 -1.58 49.17
CA PRO B 98 -4.49 -0.74 49.42
C PRO B 98 -3.61 -0.58 48.19
N ASN B 99 -3.75 -1.46 47.20
CA ASN B 99 -3.00 -1.33 45.96
C ASN B 99 -3.45 -0.11 45.17
N SER B 100 -4.77 0.09 45.06
CA SER B 100 -5.27 1.25 44.33
C SER B 100 -4.99 2.55 45.06
N PHE B 101 -4.98 2.52 46.39
CA PHE B 101 -4.64 3.73 47.15
C PHE B 101 -3.17 4.12 46.95
N ASP B 102 -2.30 3.15 46.72
CA ASP B 102 -0.89 3.45 46.51
C ASP B 102 -0.65 4.09 45.15
N ASN B 103 -1.32 3.57 44.10
CA ASN B 103 -1.14 4.09 42.76
C ASN B 103 -1.69 5.51 42.62
N ILE B 104 -2.33 6.05 43.66
CA ILE B 104 -2.68 7.47 43.67
C ILE B 104 -1.41 8.31 43.58
N PHE B 105 -0.39 7.93 44.35
CA PHE B 105 0.89 8.63 44.35
C PHE B 105 1.91 7.97 43.42
N ASN B 106 1.86 6.65 43.28
CA ASN B 106 2.83 5.94 42.45
C ASN B 106 2.53 6.10 40.96
N ARG B 107 1.25 6.11 40.59
CA ARG B 107 0.85 5.98 39.19
C ARG B 107 0.06 7.19 38.69
N TRP B 108 -0.96 7.63 39.42
CA TRP B 108 -1.85 8.66 38.89
C TRP B 108 -1.35 10.08 39.12
N TYR B 109 -0.67 10.33 40.24
CA TYR B 109 -0.08 11.65 40.45
C TYR B 109 1.03 11.94 39.43
N PRO B 110 1.94 10.99 39.15
CA PRO B 110 2.93 11.25 38.09
C PRO B 110 2.31 11.49 36.73
N GLU B 111 1.29 10.70 36.38
CA GLU B 111 0.64 10.86 35.07
C GLU B 111 -0.11 12.18 35.00
N VAL B 112 -0.75 12.59 36.09
CA VAL B 112 -1.47 13.86 36.10
C VAL B 112 -0.48 15.02 36.06
N ASN B 113 0.54 14.98 36.93
CA ASN B 113 1.53 16.04 36.96
C ASN B 113 2.35 16.12 35.67
N HIS B 114 2.43 15.01 34.92
CA HIS B 114 3.13 15.05 33.64
C HIS B 114 2.35 15.84 32.60
N PHE B 115 1.02 15.70 32.61
CA PHE B 115 0.17 16.44 31.67
C PHE B 115 -0.49 17.63 32.37
N CYS B 116 -1.53 17.36 33.16
CA CYS B 116 -2.28 18.40 33.85
C CYS B 116 -1.46 18.92 35.04
N LYS B 117 -0.58 19.88 34.74
CA LYS B 117 0.29 20.42 35.76
C LYS B 117 -0.42 21.41 36.67
N LYS B 118 -1.43 22.12 36.17
CA LYS B 118 -2.10 23.16 36.93
C LYS B 118 -3.59 22.89 37.14
N VAL B 119 -4.06 21.68 36.86
CA VAL B 119 -5.48 21.36 37.00
C VAL B 119 -5.75 20.90 38.42
N PRO B 120 -6.78 21.43 39.08
CA PRO B 120 -7.05 21.04 40.47
C PRO B 120 -7.34 19.55 40.62
N ILE B 121 -6.79 18.96 41.67
CA ILE B 121 -6.93 17.53 41.95
C ILE B 121 -7.83 17.37 43.17
N ILE B 122 -8.80 16.46 43.06
CA ILE B 122 -9.62 16.05 44.20
C ILE B 122 -9.47 14.54 44.35
N VAL B 123 -8.94 14.12 45.48
CA VAL B 123 -8.83 12.69 45.78
C VAL B 123 -10.15 12.21 46.35
N VAL B 124 -10.59 11.02 45.93
CA VAL B 124 -11.88 10.48 46.33
C VAL B 124 -11.70 9.02 46.71
N GLY B 125 -12.11 8.66 47.93
CA GLY B 125 -12.16 7.28 48.35
C GLY B 125 -13.51 6.66 48.07
N CYS B 126 -13.53 5.57 47.30
CA CYS B 126 -14.77 4.95 46.86
C CYS B 126 -15.07 3.71 47.67
N LYS B 127 -16.31 3.23 47.56
CA LYS B 127 -16.79 2.04 48.25
C LYS B 127 -16.64 2.16 49.76
N THR B 128 -17.06 3.32 50.31
CA THR B 128 -17.02 3.52 51.75
C THR B 128 -17.90 2.51 52.48
N ASP B 129 -18.98 2.06 51.83
CA ASP B 129 -19.89 1.10 52.45
C ASP B 129 -19.20 -0.21 52.77
N LEU B 130 -18.16 -0.56 52.02
CA LEU B 130 -17.47 -1.83 52.25
C LEU B 130 -16.64 -1.85 53.54
N ARG B 131 -16.46 -0.69 54.17
CA ARG B 131 -15.72 -0.65 55.44
C ARG B 131 -16.45 -1.38 56.56
N LYS B 132 -17.72 -1.70 56.37
CA LYS B 132 -18.55 -2.35 57.38
C LYS B 132 -18.80 -3.83 57.12
N ASP B 133 -18.26 -4.37 56.03
CA ASP B 133 -18.38 -5.79 55.75
C ASP B 133 -17.34 -6.54 56.58
N LYS B 134 -17.79 -7.25 57.60
CA LYS B 134 -16.87 -7.89 58.54
C LYS B 134 -15.99 -8.92 57.84
N SER B 135 -16.56 -9.66 56.89
CA SER B 135 -15.79 -10.69 56.19
C SER B 135 -14.62 -10.08 55.42
N LEU B 136 -14.85 -8.95 54.75
CA LEU B 136 -13.79 -8.31 53.99
C LEU B 136 -12.68 -7.80 54.91
N VAL B 137 -13.06 -7.07 55.97
CA VAL B 137 -12.07 -6.49 56.87
C VAL B 137 -11.28 -7.58 57.58
N ASN B 138 -11.96 -8.64 58.02
CA ASN B 138 -11.27 -9.73 58.70
C ASN B 138 -10.38 -10.51 57.75
N LYS B 139 -10.79 -10.67 56.49
CA LYS B 139 -9.90 -11.24 55.49
C LYS B 139 -8.71 -10.33 55.23
N LEU B 140 -8.91 -9.02 55.37
CA LEU B 140 -7.80 -8.08 55.22
C LEU B 140 -6.92 -8.06 56.48
N ARG B 141 -7.55 -8.08 57.66
CA ARG B 141 -6.78 -8.05 58.90
C ARG B 141 -5.94 -9.31 59.07
N ARG B 142 -6.45 -10.46 58.60
CA ARG B 142 -5.67 -11.68 58.63
C ARG B 142 -4.41 -11.56 57.78
N ASN B 143 -4.46 -10.72 56.75
CA ASN B 143 -3.30 -10.44 55.90
C ASN B 143 -2.53 -9.20 56.34
N GLY B 144 -2.78 -8.70 57.54
CA GLY B 144 -2.06 -7.55 58.06
C GLY B 144 -2.35 -6.24 57.39
N LEU B 145 -3.31 -6.19 56.49
CA LEU B 145 -3.67 -4.97 55.77
C LEU B 145 -4.99 -4.43 56.28
N GLU B 146 -5.06 -3.12 56.46
CA GLU B 146 -6.29 -2.49 56.92
C GLU B 146 -6.87 -1.59 55.85
N PRO B 147 -8.20 -1.45 55.80
CA PRO B 147 -8.80 -0.49 54.86
C PRO B 147 -8.32 0.93 55.13
N VAL B 148 -8.40 1.75 54.09
CA VAL B 148 -7.89 3.12 54.18
C VAL B 148 -8.83 3.95 55.04
N THR B 149 -8.28 4.53 56.11
CA THR B 149 -9.05 5.41 56.97
C THR B 149 -9.07 6.83 56.39
N TYR B 150 -9.83 7.71 57.04
CA TYR B 150 -9.98 9.07 56.54
C TYR B 150 -8.66 9.83 56.57
N HIS B 151 -7.94 9.75 57.70
CA HIS B 151 -6.70 10.50 57.85
C HIS B 151 -5.62 10.00 56.88
N ARG B 152 -5.73 8.76 56.40
CA ARG B 152 -4.79 8.29 55.38
C ARG B 152 -5.16 8.76 53.99
N GLY B 153 -6.45 8.91 53.69
CA GLY B 153 -6.83 9.52 52.43
C GLY B 153 -6.47 11.00 52.41
N GLN B 154 -6.51 11.64 53.57
CA GLN B 154 -6.19 13.06 53.65
C GLN B 154 -4.69 13.27 53.46
N GLU B 155 -3.86 12.45 54.10
CA GLU B 155 -2.42 12.59 53.95
C GLU B 155 -1.99 12.38 52.51
N MET B 156 -2.68 11.50 51.78
CA MET B 156 -2.39 11.31 50.36
C MET B 156 -2.76 12.55 49.55
N ALA B 157 -3.98 13.06 49.75
CA ALA B 157 -4.39 14.28 49.07
C ALA B 157 -3.43 15.42 49.37
N ARG B 158 -2.89 15.45 50.60
CA ARG B 158 -1.95 16.50 50.97
C ARG B 158 -0.61 16.31 50.27
N SER B 159 -0.11 15.07 50.26
CA SER B 159 1.15 14.77 49.61
C SER B 159 1.03 15.00 48.10
N VAL B 160 -0.10 14.61 47.51
CA VAL B 160 -0.32 14.81 46.09
C VAL B 160 -0.47 16.29 45.75
N GLY B 161 -0.89 17.11 46.69
CA GLY B 161 -1.18 18.50 46.42
C GLY B 161 -2.62 18.79 46.09
N ALA B 162 -3.53 17.88 46.42
CA ALA B 162 -4.94 18.08 46.12
C ALA B 162 -5.51 19.24 46.91
N VAL B 163 -6.58 19.83 46.39
CA VAL B 163 -7.23 20.93 47.09
C VAL B 163 -8.20 20.41 48.13
N ALA B 164 -8.75 19.22 47.93
CA ALA B 164 -9.72 18.65 48.85
C ALA B 164 -9.60 17.14 48.83
N TYR B 165 -10.42 16.49 49.66
CA TYR B 165 -10.45 15.03 49.73
C TYR B 165 -11.81 14.61 50.27
N LEU B 166 -12.50 13.74 49.52
CA LEU B 166 -13.84 13.31 49.86
C LEU B 166 -13.93 11.79 49.82
N GLU B 167 -14.95 11.26 50.50
CA GLU B 167 -15.28 9.85 50.46
C GLU B 167 -16.74 9.68 50.04
N CYS B 168 -17.05 8.51 49.50
CA CYS B 168 -18.41 8.25 49.01
C CYS B 168 -18.63 6.75 48.88
N SER B 169 -19.90 6.37 48.84
CA SER B 169 -20.30 4.98 48.62
C SER B 169 -21.27 4.96 47.44
N ALA B 170 -20.79 4.46 46.29
CA ALA B 170 -21.66 4.39 45.12
C ALA B 170 -22.81 3.41 45.32
N ARG B 171 -22.60 2.37 46.14
CA ARG B 171 -23.63 1.37 46.36
C ARG B 171 -24.80 1.93 47.16
N LEU B 172 -24.56 2.95 48.00
CA LEU B 172 -25.57 3.45 48.91
C LEU B 172 -25.94 4.91 48.65
N HIS B 173 -25.58 5.46 47.50
CA HIS B 173 -25.87 6.84 47.12
C HIS B 173 -25.34 7.86 48.13
N ASP B 174 -24.44 7.43 49.02
CA ASP B 174 -23.98 8.27 50.11
C ASP B 174 -22.92 9.24 49.62
N ASN B 175 -23.11 10.53 49.91
CA ASN B 175 -22.14 11.58 49.64
C ASN B 175 -21.82 11.69 48.14
N VAL B 176 -22.67 11.13 47.29
CA VAL B 176 -22.38 11.07 45.86
C VAL B 176 -22.60 12.43 45.20
N HIS B 177 -23.83 12.97 45.33
CA HIS B 177 -24.13 14.26 44.73
C HIS B 177 -23.28 15.37 45.32
N ALA B 178 -22.80 15.19 46.54
CA ALA B 178 -21.96 16.21 47.17
C ALA B 178 -20.54 16.21 46.62
N VAL B 179 -20.10 15.10 46.00
CA VAL B 179 -18.76 15.05 45.44
C VAL B 179 -18.65 15.97 44.24
N PHE B 180 -19.64 15.94 43.35
CA PHE B 180 -19.61 16.75 42.14
C PHE B 180 -19.93 18.21 42.42
N GLN B 181 -20.75 18.48 43.45
CA GLN B 181 -21.00 19.87 43.84
C GLN B 181 -19.71 20.55 44.25
N GLU B 182 -18.89 19.87 45.06
CA GLU B 182 -17.60 20.42 45.44
C GLU B 182 -16.64 20.45 44.25
N ALA B 183 -16.74 19.48 43.35
CA ALA B 183 -15.88 19.47 42.18
C ALA B 183 -16.18 20.66 41.27
N ALA B 184 -17.46 21.02 41.14
CA ALA B 184 -17.82 22.17 40.32
C ALA B 184 -17.41 23.47 41.01
N GLU B 185 -17.54 23.54 42.33
CA GLU B 185 -17.15 24.74 43.05
C GLU B 185 -15.65 25.00 42.95
N VAL B 186 -14.85 23.93 42.87
CA VAL B 186 -13.41 24.09 42.77
C VAL B 186 -13.02 24.57 41.37
N ALA B 187 -13.58 23.93 40.34
CA ALA B 187 -13.20 24.26 38.97
C ALA B 187 -13.60 25.68 38.60
N LEU B 188 -14.74 26.14 39.11
CA LEU B 188 -15.18 27.50 38.79
C LEU B 188 -14.36 28.55 39.55
N SER B 189 -14.10 28.31 40.82
CA SER B 189 -13.33 29.26 41.62
C SER B 189 -11.87 29.33 41.20
N SER B 190 -11.38 28.34 40.45
CA SER B 190 -10.00 28.32 39.97
C SER B 190 -9.89 28.79 38.53
N ARG B 191 -10.87 29.52 38.03
CA ARG B 191 -10.84 30.03 36.67
C ARG B 191 -10.63 31.54 36.64
N GLU C 1 5.14 -8.51 17.40
CA GLU C 1 4.48 -8.98 16.20
C GLU C 1 3.29 -8.10 15.83
N TYR C 2 2.43 -8.62 14.96
CA TYR C 2 1.24 -7.90 14.54
C TYR C 2 0.02 -8.80 14.63
N ALA C 3 -1.13 -8.35 14.10
CA ALA C 3 -2.35 -9.14 14.16
C ALA C 3 -3.38 -8.64 13.14
N PRO C 4 -3.99 -9.54 12.37
CA PRO C 4 -5.14 -9.15 11.56
C PRO C 4 -6.30 -8.67 12.42
N LEU C 5 -7.13 -7.82 11.84
CA LEU C 5 -8.17 -7.15 12.62
C LEU C 5 -9.24 -6.61 11.68
N THR C 6 -10.43 -7.21 11.72
CA THR C 6 -11.58 -6.71 10.98
C THR C 6 -12.33 -5.71 11.86
N VAL C 7 -12.72 -4.59 11.25
CA VAL C 7 -13.33 -3.49 11.97
C VAL C 7 -14.61 -3.07 11.24
N SER C 8 -15.52 -2.44 11.99
CA SER C 8 -16.79 -1.96 11.46
C SER C 8 -16.76 -0.44 11.41
N VAL C 9 -16.84 0.11 10.20
CA VAL C 9 -16.71 1.55 9.97
C VAL C 9 -18.02 2.09 9.44
N ILE C 10 -18.41 3.27 9.92
CA ILE C 10 -19.59 3.98 9.45
C ILE C 10 -19.14 5.28 8.81
N VAL C 11 -19.69 5.59 7.63
CA VAL C 11 -19.42 6.83 6.93
C VAL C 11 -20.65 7.71 7.03
N GLN C 12 -20.46 8.95 7.50
CA GLN C 12 -21.60 9.81 7.80
C GLN C 12 -22.36 10.19 6.55
N ASP C 13 -21.67 10.69 5.53
CA ASP C 13 -22.34 11.23 4.36
C ASP C 13 -22.99 10.13 3.52
N GLU C 14 -22.28 9.02 3.30
CA GLU C 14 -22.79 7.98 2.42
C GLU C 14 -24.02 7.27 3.00
N GLY C 15 -24.09 7.15 4.32
CA GLY C 15 -25.25 6.60 4.96
C GLY C 15 -25.35 5.09 4.97
N ILE C 16 -24.34 4.37 4.48
CA ILE C 16 -24.34 2.92 4.61
C ILE C 16 -24.30 2.56 6.09
N ASP C 17 -25.02 1.49 6.45
CA ASP C 17 -25.15 1.12 7.85
C ASP C 17 -23.80 0.85 8.50
N ALA C 18 -22.98 0.01 7.86
CA ALA C 18 -21.64 -0.28 8.34
C ALA C 18 -20.87 -0.95 7.23
N ILE C 19 -19.55 -0.80 7.28
CA ILE C 19 -18.66 -1.38 6.28
C ILE C 19 -17.58 -2.18 6.98
N PRO C 20 -17.44 -3.47 6.70
CA PRO C 20 -16.31 -4.23 7.25
C PRO C 20 -15.02 -3.84 6.56
N VAL C 21 -14.00 -3.52 7.35
CA VAL C 21 -12.71 -3.11 6.83
C VAL C 21 -11.64 -3.95 7.52
N LYS C 22 -10.92 -4.75 6.74
CA LYS C 22 -9.86 -5.58 7.26
C LYS C 22 -8.56 -4.77 7.35
N VAL C 23 -8.05 -4.61 8.56
CA VAL C 23 -6.85 -3.83 8.81
C VAL C 23 -5.92 -4.63 9.74
N LEU C 24 -4.77 -4.04 10.04
CA LEU C 24 -3.80 -4.59 10.96
C LEU C 24 -3.65 -3.66 12.15
N ASN C 25 -3.41 -4.24 13.33
CA ASN C 25 -3.23 -3.42 14.51
C ASN C 25 -1.96 -2.58 14.45
N CYS C 26 -1.03 -2.93 13.56
CA CYS C 26 0.17 -2.14 13.34
C CYS C 26 -0.03 -1.04 12.29
N ASP C 27 -1.22 -0.94 11.70
CA ASP C 27 -1.49 0.13 10.76
C ASP C 27 -1.70 1.44 11.50
N THR C 28 -1.13 2.52 10.96
CA THR C 28 -1.30 3.82 11.57
C THR C 28 -2.67 4.39 11.22
N ILE C 29 -3.04 5.46 11.92
CA ILE C 29 -4.36 6.06 11.72
C ILE C 29 -4.52 6.59 10.31
N SER C 30 -3.42 7.04 9.69
CA SER C 30 -3.48 7.50 8.31
C SER C 30 -3.67 6.32 7.35
N GLN C 31 -2.96 5.22 7.58
CA GLN C 31 -3.11 4.03 6.74
C GLN C 31 -4.52 3.48 6.82
N VAL C 32 -5.13 3.53 8.01
CA VAL C 32 -6.48 3.01 8.16
C VAL C 32 -7.49 3.87 7.40
N LYS C 33 -7.30 5.19 7.43
CA LYS C 33 -8.20 6.09 6.70
C LYS C 33 -8.19 5.78 5.21
N GLU C 34 -7.00 5.72 4.61
CA GLU C 34 -6.90 5.42 3.18
C GLU C 34 -7.43 4.02 2.87
N LYS C 35 -7.24 3.08 3.79
CA LYS C 35 -7.84 1.75 3.62
C LYS C 35 -9.35 1.83 3.51
N ILE C 36 -9.97 2.79 4.20
CA ILE C 36 -11.42 2.96 4.13
C ILE C 36 -11.82 3.71 2.88
N ILE C 37 -11.06 4.76 2.52
CA ILE C 37 -11.39 5.55 1.34
C ILE C 37 -11.33 4.70 0.08
N ASP C 38 -10.34 3.80 0.00
CA ASP C 38 -10.23 2.88 -1.13
C ASP C 38 -11.39 1.88 -1.18
N GLN C 39 -12.26 1.87 -0.17
CA GLN C 39 -13.41 0.97 -0.16
C GLN C 39 -14.75 1.67 -0.34
N VAL C 40 -14.78 3.00 -0.25
CA VAL C 40 -16.05 3.73 -0.30
C VAL C 40 -16.04 4.73 -1.45
N TYR C 41 -14.85 5.22 -1.79
CA TYR C 41 -14.74 6.31 -2.75
C TYR C 41 -13.97 5.97 -4.02
N ARG C 42 -13.22 4.86 -4.05
CA ARG C 42 -12.57 4.46 -5.30
C ARG C 42 -13.58 4.14 -6.39
N THR C 43 -14.81 3.78 -6.02
CA THR C 43 -15.88 3.51 -6.96
C THR C 43 -16.85 4.67 -7.09
N GLN C 44 -16.54 5.81 -6.48
CA GLN C 44 -17.40 6.98 -6.59
C GLN C 44 -16.96 7.86 -7.77
N PRO C 45 -17.92 8.44 -8.48
CA PRO C 45 -17.57 9.27 -9.65
C PRO C 45 -16.67 10.43 -9.27
N CYS C 46 -15.46 10.43 -9.84
CA CYS C 46 -14.48 11.48 -9.59
C CYS C 46 -13.62 11.61 -10.84
N SER C 47 -13.87 12.66 -11.63
CA SER C 47 -13.19 12.82 -12.91
C SER C 47 -11.71 13.14 -12.75
N CYS C 48 -11.30 13.71 -11.62
CA CYS C 48 -9.91 14.10 -11.39
C CYS C 48 -9.12 13.08 -10.58
N TRP C 49 -9.66 11.88 -10.37
CA TRP C 49 -8.98 10.85 -9.59
C TRP C 49 -8.48 9.77 -10.54
N PRO C 50 -7.18 9.72 -10.85
CA PRO C 50 -6.67 8.70 -11.77
C PRO C 50 -6.58 7.34 -11.10
N LYS C 51 -7.27 6.36 -11.68
CA LYS C 51 -7.13 4.99 -11.25
C LYS C 51 -6.23 4.22 -12.21
N PRO C 52 -5.59 3.15 -11.73
CA PRO C 52 -4.64 2.41 -12.59
C PRO C 52 -5.21 2.00 -13.95
N ASP C 53 -6.49 1.66 -14.03
CA ASP C 53 -7.07 1.24 -15.29
C ASP C 53 -7.62 2.38 -16.13
N SER C 54 -7.70 3.59 -15.57
CA SER C 54 -7.93 4.80 -16.35
C SER C 54 -6.62 5.41 -16.83
N VAL C 55 -5.54 4.63 -16.81
CA VAL C 55 -4.18 5.12 -17.02
C VAL C 55 -3.40 4.07 -17.79
N VAL C 56 -2.61 4.51 -18.77
CA VAL C 56 -1.76 3.64 -19.56
C VAL C 56 -0.33 3.79 -19.08
N LEU C 57 0.42 2.68 -19.07
CA LEU C 57 1.82 2.68 -18.72
C LEU C 57 2.61 2.03 -19.84
N GLU C 58 3.46 2.80 -20.51
CA GLU C 58 4.28 2.32 -21.60
C GLU C 58 5.74 2.23 -21.17
N TRP C 59 6.49 1.39 -21.86
CA TRP C 59 7.92 1.20 -21.63
C TRP C 59 8.64 1.39 -22.95
N ARG C 60 9.69 2.22 -22.94
CA ARG C 60 10.56 2.36 -24.11
C ARG C 60 12.02 2.31 -23.66
N PRO C 61 12.72 1.20 -23.90
CA PRO C 61 14.18 1.20 -23.77
C PRO C 61 14.87 1.79 -25.00
N GLY C 62 14.16 1.91 -26.12
CA GLY C 62 14.71 2.53 -27.32
C GLY C 62 13.87 3.70 -27.79
N SER C 63 13.68 3.80 -29.10
CA SER C 63 12.94 4.91 -29.69
C SER C 63 11.44 4.63 -29.83
N THR C 64 10.99 3.42 -29.49
CA THR C 64 9.58 3.06 -29.59
C THR C 64 9.11 2.48 -28.26
N ALA C 65 7.88 2.81 -27.88
CA ALA C 65 7.31 2.40 -26.61
C ALA C 65 6.27 1.30 -26.81
N GLN C 66 6.07 0.51 -25.77
CA GLN C 66 5.11 -0.58 -25.76
C GLN C 66 4.34 -0.55 -24.46
N ILE C 67 3.04 -0.86 -24.55
CA ILE C 67 2.16 -0.78 -23.38
C ILE C 67 2.33 -2.03 -22.53
N LEU C 68 2.47 -1.83 -21.22
CA LEU C 68 2.52 -2.92 -20.26
C LEU C 68 1.21 -3.01 -19.51
N SER C 69 0.70 -4.23 -19.36
CA SER C 69 -0.60 -4.47 -18.75
C SER C 69 -0.46 -5.46 -17.59
N ASP C 70 -1.48 -5.45 -16.73
CA ASP C 70 -1.53 -6.43 -15.63
C ASP C 70 -1.70 -7.84 -16.18
N LEU C 71 -2.54 -8.01 -17.20
CA LEU C 71 -2.74 -9.30 -17.85
C LEU C 71 -2.84 -9.08 -19.35
N ASP C 72 -1.86 -9.59 -20.09
CA ASP C 72 -1.93 -9.57 -21.55
C ASP C 72 -1.62 -10.95 -22.12
N LEU C 73 -1.10 -11.00 -23.34
CA LEU C 73 -0.81 -12.29 -23.98
C LEU C 73 0.32 -13.04 -23.30
N THR C 74 1.16 -12.35 -22.52
CA THR C 74 2.34 -12.95 -21.92
C THR C 74 2.12 -13.45 -20.50
N SER C 75 0.90 -13.34 -19.98
CA SER C 75 0.64 -13.66 -18.58
C SER C 75 0.59 -15.17 -18.39
N GLN C 76 1.41 -15.68 -17.49
CA GLN C 76 1.44 -17.11 -17.17
C GLN C 76 0.41 -17.42 -16.11
N ARG C 77 -0.50 -18.34 -16.40
CA ARG C 77 -1.58 -18.69 -15.49
C ARG C 77 -1.05 -19.68 -14.45
N GLU C 78 -0.74 -19.17 -13.27
CA GLU C 78 -0.14 -19.98 -12.19
C GLU C 78 -1.22 -20.34 -11.19
N GLY C 79 -1.63 -21.61 -11.18
CA GLY C 79 -2.53 -22.10 -10.17
C GLY C 79 -4.00 -21.88 -10.53
N ARG C 80 -4.82 -21.66 -9.50
CA ARG C 80 -6.24 -21.37 -9.70
C ARG C 80 -6.45 -20.06 -10.44
N TRP C 81 -5.44 -19.19 -10.48
CA TRP C 81 -5.57 -17.82 -10.95
C TRP C 81 -4.51 -17.53 -12.01
N LYS C 82 -4.78 -16.50 -12.80
CA LYS C 82 -3.83 -15.98 -13.77
C LYS C 82 -2.86 -15.04 -13.05
N ARG C 83 -1.58 -15.40 -13.01
CA ARG C 83 -0.61 -14.58 -12.31
C ARG C 83 -0.48 -13.22 -12.97
N ILE C 84 -0.70 -12.16 -12.18
CA ILE C 84 -0.62 -10.81 -12.69
C ILE C 84 0.84 -10.47 -12.99
N ASN C 85 1.07 -9.85 -14.14
CA ASN C 85 2.43 -9.59 -14.60
C ASN C 85 3.12 -8.56 -13.72
N THR C 86 4.40 -8.80 -13.44
CA THR C 86 5.20 -7.95 -12.58
C THR C 86 6.25 -7.20 -13.42
N LEU C 87 7.09 -6.44 -12.73
CA LEU C 87 8.15 -5.71 -13.41
C LEU C 87 9.27 -6.64 -13.84
N MET C 88 9.58 -7.64 -13.02
CA MET C 88 10.56 -8.65 -13.41
C MET C 88 9.97 -9.71 -14.32
N HIS C 89 8.64 -9.74 -14.48
CA HIS C 89 8.04 -10.54 -15.54
C HIS C 89 8.43 -10.01 -16.91
N TYR C 90 8.28 -8.70 -17.12
CA TYR C 90 8.73 -8.03 -18.33
C TYR C 90 10.23 -7.79 -18.34
N ASN C 91 10.93 -8.14 -17.26
CA ASN C 91 12.37 -7.94 -17.12
C ASN C 91 12.74 -6.47 -17.32
N VAL C 92 12.11 -5.62 -16.52
CA VAL C 92 12.37 -4.20 -16.51
C VAL C 92 13.52 -3.94 -15.54
N ARG C 93 14.69 -3.63 -16.07
CA ARG C 93 15.89 -3.45 -15.25
C ARG C 93 15.87 -2.07 -14.59
N ASP C 94 16.87 -1.83 -13.75
CA ASP C 94 16.98 -0.54 -13.07
C ASP C 94 17.34 0.56 -14.06
N GLY C 95 16.88 1.77 -13.76
CA GLY C 95 17.15 2.89 -14.64
C GLY C 95 16.32 2.90 -15.91
N ALA C 96 15.19 2.22 -15.91
CA ALA C 96 14.35 2.16 -17.10
C ALA C 96 13.60 3.48 -17.28
N THR C 97 12.85 3.57 -18.37
CA THR C 97 12.08 4.76 -18.70
C THR C 97 10.65 4.35 -19.04
N LEU C 98 9.69 5.03 -18.43
CA LEU C 98 8.28 4.69 -18.60
C LEU C 98 7.50 5.94 -19.02
N ILE C 99 6.27 5.71 -19.50
CA ILE C 99 5.38 6.77 -19.93
C ILE C 99 4.01 6.52 -19.33
N LEU C 100 3.46 7.53 -18.67
CA LEU C 100 2.11 7.49 -18.14
C LEU C 100 1.20 8.39 -18.97
N SER C 101 0.00 7.90 -19.28
CA SER C 101 -0.91 8.65 -20.13
C SER C 101 -2.33 8.11 -19.94
N LYS C 102 -3.30 9.01 -19.91
CA LYS C 102 -4.69 8.60 -19.76
C LYS C 102 -5.18 7.91 -21.03
N VAL C 103 -6.29 7.17 -20.87
CA VAL C 103 -6.84 6.39 -21.97
C VAL C 103 -7.62 7.29 -22.92
N GLU D 1 14.84 -13.00 -6.09
CA GLU D 1 13.79 -12.76 -5.11
C GLU D 1 13.14 -11.40 -5.35
N TYR D 2 13.40 -10.45 -4.46
CA TYR D 2 12.94 -9.08 -4.59
C TYR D 2 14.13 -8.17 -4.87
N ALA D 3 13.83 -6.95 -5.31
CA ALA D 3 14.88 -6.01 -5.66
C ALA D 3 14.37 -4.57 -5.68
N PRO D 4 15.05 -3.65 -5.00
CA PRO D 4 14.72 -2.22 -5.16
C PRO D 4 15.00 -1.77 -6.59
N LEU D 5 14.26 -0.75 -7.02
CA LEU D 5 14.33 -0.33 -8.42
C LEU D 5 13.80 1.10 -8.52
N THR D 6 14.66 2.02 -8.96
CA THR D 6 14.26 3.40 -9.21
C THR D 6 14.14 3.62 -10.71
N VAL D 7 12.99 4.12 -11.15
CA VAL D 7 12.69 4.26 -12.57
C VAL D 7 12.36 5.71 -12.88
N SER D 8 12.64 6.12 -14.12
CA SER D 8 12.34 7.45 -14.61
C SER D 8 11.01 7.40 -15.38
N VAL D 9 10.04 8.20 -14.94
CA VAL D 9 8.70 8.20 -15.50
C VAL D 9 8.39 9.58 -16.07
N ILE D 10 7.75 9.60 -17.23
CA ILE D 10 7.31 10.84 -17.88
C ILE D 10 5.80 10.78 -18.02
N VAL D 11 5.13 11.88 -17.68
CA VAL D 11 3.68 12.02 -17.84
C VAL D 11 3.43 12.96 -19.02
N GLN D 12 2.59 12.52 -19.95
CA GLN D 12 2.39 13.26 -21.19
C GLN D 12 1.74 14.61 -20.93
N ASP D 13 0.64 14.62 -20.17
CA ASP D 13 -0.13 15.85 -20.00
C ASP D 13 0.62 16.86 -19.12
N GLU D 14 1.21 16.40 -18.02
CA GLU D 14 1.86 17.32 -17.09
C GLU D 14 3.12 17.93 -17.70
N GLY D 15 3.83 17.19 -18.52
CA GLY D 15 4.99 17.73 -19.22
C GLY D 15 6.25 17.86 -18.38
N ILE D 16 6.26 17.33 -17.15
CA ILE D 16 7.49 17.33 -16.37
C ILE D 16 8.55 16.52 -17.10
N ASP D 17 9.80 16.98 -17.02
CA ASP D 17 10.88 16.34 -17.78
C ASP D 17 11.02 14.87 -17.41
N ALA D 18 11.12 14.58 -16.11
CA ALA D 18 11.20 13.21 -15.64
C ALA D 18 10.90 13.19 -14.15
N ILE D 19 10.30 12.09 -13.70
CA ILE D 19 9.94 11.91 -12.29
C ILE D 19 10.54 10.60 -11.81
N PRO D 20 11.41 10.62 -10.80
CA PRO D 20 11.90 9.35 -10.24
C PRO D 20 10.84 8.70 -9.35
N VAL D 21 10.59 7.42 -9.59
CA VAL D 21 9.60 6.66 -8.83
C VAL D 21 10.29 5.40 -8.32
N LYS D 22 10.51 5.33 -7.01
CA LYS D 22 11.14 4.17 -6.40
C LYS D 22 10.12 3.05 -6.29
N VAL D 23 10.37 1.94 -6.99
CA VAL D 23 9.46 0.79 -6.98
C VAL D 23 10.23 -0.49 -6.73
N LEU D 24 9.57 -1.63 -6.91
CA LEU D 24 10.17 -2.94 -6.72
C LEU D 24 9.94 -3.78 -7.96
N ASN D 25 10.92 -4.64 -8.26
CA ASN D 25 10.79 -5.51 -9.42
C ASN D 25 9.67 -6.53 -9.25
N CYS D 26 9.20 -6.75 -8.03
CA CYS D 26 8.09 -7.65 -7.76
C CYS D 26 6.74 -6.95 -7.75
N ASP D 27 6.70 -5.65 -8.03
CA ASP D 27 5.44 -4.93 -8.12
C ASP D 27 4.73 -5.25 -9.42
N THR D 28 3.40 -5.27 -9.37
CA THR D 28 2.62 -5.46 -10.58
C THR D 28 2.47 -4.13 -11.32
N ILE D 29 1.93 -4.20 -12.54
CA ILE D 29 1.76 -2.99 -13.34
C ILE D 29 0.72 -2.07 -12.71
N SER D 30 -0.26 -2.63 -12.00
CA SER D 30 -1.25 -1.81 -11.31
C SER D 30 -0.61 -1.08 -10.13
N GLN D 31 0.22 -1.77 -9.35
CA GLN D 31 0.86 -1.15 -8.19
C GLN D 31 1.77 -0.01 -8.60
N VAL D 32 2.41 -0.11 -9.77
CA VAL D 32 3.34 0.92 -10.21
C VAL D 32 2.58 2.17 -10.66
N LYS D 33 1.47 1.97 -11.38
CA LYS D 33 0.65 3.10 -11.81
C LYS D 33 0.20 3.94 -10.62
N GLU D 34 -0.31 3.28 -9.57
CA GLU D 34 -0.72 4.00 -8.38
C GLU D 34 0.45 4.73 -7.73
N LYS D 35 1.62 4.09 -7.71
CA LYS D 35 2.81 4.73 -7.15
C LYS D 35 3.15 6.01 -7.90
N ILE D 36 2.99 5.99 -9.23
CA ILE D 36 3.23 7.19 -10.02
C ILE D 36 2.10 8.19 -9.82
N ILE D 37 0.85 7.70 -9.81
CA ILE D 37 -0.30 8.58 -9.66
C ILE D 37 -0.21 9.38 -8.37
N ASP D 38 0.25 8.73 -7.29
CA ASP D 38 0.38 9.42 -6.02
C ASP D 38 1.37 10.57 -6.10
N GLN D 39 2.47 10.40 -6.84
CA GLN D 39 3.51 11.42 -6.87
C GLN D 39 3.12 12.62 -7.72
N VAL D 40 2.26 12.44 -8.71
CA VAL D 40 1.93 13.50 -9.63
C VAL D 40 0.51 14.04 -9.46
N TYR D 41 -0.39 13.28 -8.81
CA TYR D 41 -1.79 13.67 -8.75
C TYR D 41 -2.37 13.77 -7.34
N ARG D 42 -1.70 13.23 -6.32
CA ARG D 42 -2.21 13.37 -4.95
C ARG D 42 -2.21 14.83 -4.51
N THR D 43 -1.30 15.63 -5.06
CA THR D 43 -1.20 17.05 -4.74
C THR D 43 -1.90 17.94 -5.76
N GLN D 44 -2.65 17.35 -6.69
CA GLN D 44 -3.35 18.21 -7.63
C GLN D 44 -4.78 18.46 -7.16
N PRO D 45 -5.31 19.67 -7.41
CA PRO D 45 -6.66 20.00 -6.96
C PRO D 45 -7.72 19.00 -7.42
N CYS D 46 -8.31 18.28 -6.47
CA CYS D 46 -9.31 17.26 -6.76
C CYS D 46 -10.28 17.23 -5.58
N SER D 47 -11.44 17.88 -5.77
CA SER D 47 -12.39 18.03 -4.67
C SER D 47 -13.07 16.72 -4.29
N CYS D 48 -13.11 15.75 -5.19
CA CYS D 48 -13.77 14.47 -4.93
C CYS D 48 -12.79 13.37 -4.56
N TRP D 49 -11.53 13.71 -4.26
CA TRP D 49 -10.53 12.72 -3.87
C TRP D 49 -10.24 12.87 -2.39
N PRO D 50 -10.78 12.00 -1.53
CA PRO D 50 -10.51 12.12 -0.08
C PRO D 50 -9.10 11.68 0.25
N LYS D 51 -8.35 12.59 0.88
CA LYS D 51 -7.04 12.26 1.43
C LYS D 51 -7.15 12.01 2.93
N PRO D 52 -6.25 11.20 3.49
CA PRO D 52 -6.37 10.84 4.92
C PRO D 52 -6.45 12.02 5.87
N ASP D 53 -5.91 13.19 5.50
CA ASP D 53 -5.94 14.35 6.39
C ASP D 53 -7.02 15.36 6.01
N SER D 54 -7.79 15.10 4.97
CA SER D 54 -9.06 15.78 4.74
C SER D 54 -10.22 15.04 5.39
N VAL D 55 -9.91 14.04 6.23
CA VAL D 55 -10.89 13.11 6.78
C VAL D 55 -10.62 12.93 8.26
N VAL D 56 -11.69 12.74 9.03
CA VAL D 56 -11.61 12.48 10.46
C VAL D 56 -11.98 11.02 10.71
N LEU D 57 -11.30 10.40 11.67
CA LEU D 57 -11.57 9.02 12.05
C LEU D 57 -11.80 8.99 13.56
N GLU D 58 -13.05 8.81 13.97
CA GLU D 58 -13.41 8.75 15.38
C GLU D 58 -13.58 7.30 15.82
N TRP D 59 -13.59 7.10 17.14
CA TRP D 59 -13.76 5.79 17.75
C TRP D 59 -14.74 5.89 18.90
N ARG D 60 -15.76 5.05 18.89
CA ARG D 60 -16.70 4.95 20.01
C ARG D 60 -16.89 3.49 20.40
N PRO D 61 -16.35 3.06 21.54
CA PRO D 61 -16.73 1.75 22.08
C PRO D 61 -18.03 1.78 22.87
N GLY D 62 -18.52 2.98 23.21
CA GLY D 62 -19.77 3.15 23.93
C GLY D 62 -20.62 4.20 23.26
N SER D 63 -21.23 5.06 24.08
CA SER D 63 -22.17 6.06 23.61
C SER D 63 -21.51 7.38 23.22
N THR D 64 -20.18 7.45 23.24
CA THR D 64 -19.46 8.68 22.91
C THR D 64 -18.23 8.35 22.07
N ALA D 65 -17.95 9.21 21.10
CA ALA D 65 -16.87 9.00 20.14
C ALA D 65 -15.74 9.99 20.37
N GLN D 66 -14.54 9.60 19.94
CA GLN D 66 -13.34 10.39 20.14
C GLN D 66 -12.44 10.28 18.92
N ILE D 67 -11.82 11.40 18.54
CA ILE D 67 -11.02 11.47 17.33
C ILE D 67 -9.66 10.82 17.55
N LEU D 68 -9.24 10.01 16.58
CA LEU D 68 -7.91 9.41 16.58
C LEU D 68 -7.04 10.07 15.51
N SER D 69 -5.79 10.35 15.85
CA SER D 69 -4.88 11.06 14.97
C SER D 69 -3.58 10.29 14.82
N ASP D 70 -2.82 10.66 13.79
CA ASP D 70 -1.49 10.07 13.60
C ASP D 70 -0.52 10.51 14.69
N LEU D 71 -0.61 11.78 15.09
CA LEU D 71 0.20 12.31 16.19
C LEU D 71 -0.65 13.23 17.02
N ASP D 72 -0.73 12.96 18.32
CA ASP D 72 -1.45 13.83 19.26
C ASP D 72 -0.67 13.83 20.58
N LEU D 73 -1.37 14.16 21.66
CA LEU D 73 -0.73 14.27 22.97
C LEU D 73 -0.19 12.94 23.47
N THR D 74 -0.66 11.82 22.91
CA THR D 74 -0.30 10.49 23.38
C THR D 74 0.81 9.84 22.57
N SER D 75 1.39 10.55 21.60
CA SER D 75 2.36 9.96 20.68
C SER D 75 3.73 9.94 21.34
N GLN D 76 4.22 8.73 21.64
CA GLN D 76 5.55 8.59 22.22
C GLN D 76 6.61 8.82 21.16
N ARG D 77 7.59 9.67 21.48
CA ARG D 77 8.64 10.03 20.53
C ARG D 77 9.72 8.95 20.56
N GLU D 78 9.69 8.06 19.56
CA GLU D 78 10.61 6.93 19.47
C GLU D 78 11.75 7.29 18.54
N GLY D 79 12.94 7.50 19.11
CA GLY D 79 14.14 7.78 18.34
C GLY D 79 14.29 9.20 17.84
N ARG D 80 14.88 9.37 16.66
CA ARG D 80 15.03 10.70 16.06
C ARG D 80 13.68 11.32 15.71
N TRP D 81 12.64 10.51 15.60
CA TRP D 81 11.34 10.88 15.07
C TRP D 81 10.27 10.65 16.13
N LYS D 82 9.08 11.20 15.85
CA LYS D 82 7.90 10.98 16.68
C LYS D 82 7.15 9.76 16.13
N ARG D 83 7.06 8.71 16.94
CA ARG D 83 6.39 7.49 16.50
C ARG D 83 4.93 7.77 16.19
N ILE D 84 4.53 7.52 14.94
CA ILE D 84 3.16 7.74 14.51
C ILE D 84 2.25 6.72 15.19
N ASN D 85 1.10 7.19 15.67
CA ASN D 85 0.21 6.33 16.45
C ASN D 85 -0.43 5.27 15.56
N THR D 86 -0.52 4.06 16.09
CA THR D 86 -1.11 2.92 15.41
C THR D 86 -2.42 2.52 16.10
N LEU D 87 -2.94 1.36 15.70
CA LEU D 87 -4.18 0.86 16.31
C LEU D 87 -3.93 0.20 17.66
N MET D 88 -2.89 -0.64 17.74
CA MET D 88 -2.53 -1.21 19.03
C MET D 88 -1.96 -0.17 19.98
N HIS D 89 -1.57 1.00 19.46
CA HIS D 89 -1.24 2.12 20.34
C HIS D 89 -2.45 2.56 21.14
N TYR D 90 -3.58 2.78 20.45
CA TYR D 90 -4.84 3.10 21.09
C TYR D 90 -5.55 1.86 21.65
N ASN D 91 -4.95 0.68 21.47
CA ASN D 91 -5.52 -0.59 21.94
C ASN D 91 -6.89 -0.82 21.34
N VAL D 92 -7.00 -0.61 20.03
CA VAL D 92 -8.22 -0.90 19.30
C VAL D 92 -8.27 -2.39 19.02
N ARG D 93 -9.24 -3.08 19.59
CA ARG D 93 -9.32 -4.53 19.52
C ARG D 93 -10.10 -4.95 18.27
N ASP D 94 -10.20 -6.27 18.08
CA ASP D 94 -10.93 -6.82 16.94
C ASP D 94 -12.42 -6.56 17.10
N GLY D 95 -13.05 -6.06 16.04
CA GLY D 95 -14.47 -5.79 16.06
C GLY D 95 -14.84 -4.44 16.64
N ALA D 96 -13.99 -3.44 16.48
CA ALA D 96 -14.28 -2.11 16.99
C ALA D 96 -15.23 -1.38 16.04
N THR D 97 -15.71 -0.22 16.49
CA THR D 97 -16.63 0.61 15.72
C THR D 97 -15.98 1.97 15.51
N LEU D 98 -15.76 2.33 14.25
CA LEU D 98 -15.15 3.61 13.90
C LEU D 98 -16.10 4.42 13.04
N ILE D 99 -15.89 5.73 13.03
CA ILE D 99 -16.71 6.67 12.26
C ILE D 99 -15.79 7.50 11.38
N LEU D 100 -16.09 7.55 10.09
CA LEU D 100 -15.35 8.36 9.15
C LEU D 100 -16.19 9.57 8.75
N SER D 101 -15.57 10.74 8.73
CA SER D 101 -16.28 11.98 8.45
C SER D 101 -15.30 13.03 7.95
N LYS D 102 -15.76 13.88 7.03
CA LYS D 102 -14.93 14.93 6.48
C LYS D 102 -14.75 16.07 7.48
N VAL D 103 -13.88 17.00 7.13
CA VAL D 103 -13.58 18.12 8.02
C VAL D 103 -14.63 19.22 7.86
#